data_7AEJ
#
_entry.id   7AEJ
#
_cell.length_a   96.750
_cell.length_b   101.414
_cell.length_c   234.417
_cell.angle_alpha   90.000
_cell.angle_beta   90.000
_cell.angle_gamma   90.000
#
_symmetry.space_group_name_H-M   'C 2 2 21'
#
loop_
_entity.id
_entity.type
_entity.pdbx_description
1 polymer 'Envelope glycoprotein gp160,Envelope glycoprotein gp160'
2 polymer 2H10
#
loop_
_entity_poly.entity_id
_entity_poly.type
_entity_poly.pdbx_seq_one_letter_code
_entity_poly.pdbx_strand_id
1 'polypeptide(L)'
;GAMDYKDDDDKAVGIGALLLGFLGAAGSTMGAASMTLTVQARQLLSGIVQQQNNLLRAIEAQQHLLQLTVWGIKQLQARI
LAVERYLKDQQLLGGAMDDDDKMEWDREINNYTSLIHSLIEESQNQQEKNEQELLELDKWASLWNWFNITNWLWYIKLFI
MIVGGLVGLRIVFAVLSVVNRVRQGYSPLSRR
;
C,A,B
2 'polypeptide(L)'
;EVQLVESGGGLVQPGGSLRLSCAASGSISSVDVMSWYRQAPGKQRELVAFITDRGRTNYKVSVKGRFTISRDNSKNMVYL
QMNSLKPEDTADYLCRAESRTSWSSPSPLDVWGRGTQVTVSS
;
D
#
# COMPACT_ATOMS: atom_id res chain seq x y z
N LEU A 18 -32.48 19.54 -5.20
CA LEU A 18 -33.71 19.15 -5.89
C LEU A 18 -33.58 17.77 -6.54
N LEU A 19 -33.71 17.72 -7.86
CA LEU A 19 -33.74 16.45 -8.57
C LEU A 19 -32.37 15.80 -8.64
N LEU A 20 -31.31 16.60 -8.76
CA LEU A 20 -29.97 16.04 -8.84
C LEU A 20 -29.64 15.25 -7.58
N GLY A 21 -29.99 15.78 -6.41
CA GLY A 21 -29.84 15.03 -5.18
C GLY A 21 -30.72 13.80 -5.14
N PHE A 22 -31.91 13.87 -5.74
CA PHE A 22 -32.80 12.72 -5.74
C PHE A 22 -32.23 11.57 -6.58
N LEU A 23 -31.45 11.90 -7.61
CA LEU A 23 -30.73 10.86 -8.33
C LEU A 23 -29.51 10.39 -7.54
N GLY A 24 -28.66 11.35 -7.12
CA GLY A 24 -27.45 11.04 -6.40
C GLY A 24 -27.65 10.23 -5.14
N ALA A 25 -28.83 10.31 -4.53
CA ALA A 25 -29.14 9.49 -3.36
C ALA A 25 -28.94 8.01 -3.67
N ALA A 26 -29.80 7.46 -4.51
CA ALA A 26 -29.66 6.06 -4.90
C ALA A 26 -28.31 5.80 -5.55
N GLY A 27 -27.84 6.74 -6.37
CA GLY A 27 -26.54 6.59 -7.02
C GLY A 27 -25.41 6.27 -6.07
N SER A 28 -25.15 7.17 -5.12
CA SER A 28 -24.04 7.02 -4.20
C SER A 28 -24.36 6.14 -3.00
N THR A 29 -25.62 5.71 -2.84
CA THR A 29 -25.88 4.69 -1.82
C THR A 29 -25.61 3.30 -2.37
N MET A 30 -25.98 3.04 -3.62
CA MET A 30 -25.44 1.88 -4.31
C MET A 30 -23.98 2.07 -4.70
N GLY A 31 -23.44 3.27 -4.48
CA GLY A 31 -22.05 3.57 -4.79
C GLY A 31 -21.12 3.61 -3.58
N ALA A 32 -21.54 4.31 -2.52
CA ALA A 32 -20.79 4.44 -1.27
C ALA A 32 -19.51 5.24 -1.44
N ALA A 33 -18.92 5.70 -0.33
CA ALA A 33 -17.70 6.48 -0.38
C ALA A 33 -16.47 5.63 -0.59
N SER A 34 -16.58 4.30 -0.47
CA SER A 34 -15.43 3.44 -0.73
C SER A 34 -14.98 3.55 -2.18
N MET A 35 -15.91 3.83 -3.10
CA MET A 35 -15.52 4.06 -4.49
C MET A 35 -14.70 5.33 -4.62
N THR A 36 -15.06 6.39 -3.88
CA THR A 36 -14.22 7.58 -3.84
C THR A 36 -12.85 7.26 -3.26
N LEU A 37 -12.81 6.46 -2.19
CA LEU A 37 -11.52 6.03 -1.64
C LEU A 37 -10.68 5.31 -2.68
N THR A 38 -11.30 4.45 -3.48
CA THR A 38 -10.56 3.70 -4.49
C THR A 38 -10.05 4.61 -5.59
N VAL A 39 -10.91 5.49 -6.11
CA VAL A 39 -10.49 6.39 -7.19
C VAL A 39 -9.51 7.45 -6.71
N GLN A 40 -9.38 7.65 -5.40
CA GLN A 40 -8.33 8.52 -4.88
C GLN A 40 -7.07 7.79 -4.45
N ALA A 41 -7.15 6.48 -4.21
CA ALA A 41 -6.00 5.67 -3.84
C ALA A 41 -5.45 4.86 -5.01
N ARG A 42 -5.99 5.06 -6.21
CA ARG A 42 -5.38 4.50 -7.42
C ARG A 42 -3.88 4.74 -7.46
N GLN A 43 -3.45 5.98 -7.18
CA GLN A 43 -2.04 6.33 -7.27
C GLN A 43 -1.23 5.65 -6.17
N LEU A 44 -1.80 5.57 -4.97
CA LEU A 44 -1.12 4.88 -3.88
C LEU A 44 -0.91 3.41 -4.21
N LEU A 45 -1.93 2.77 -4.81
CA LEU A 45 -1.79 1.36 -5.18
C LEU A 45 -0.79 1.20 -6.32
N SER A 46 -0.75 2.16 -7.25
CA SER A 46 0.27 2.13 -8.29
C SER A 46 1.67 2.20 -7.68
N GLY A 47 1.85 3.06 -6.69
CA GLY A 47 3.14 3.14 -6.02
C GLY A 47 3.49 1.86 -5.28
N ILE A 48 2.49 1.22 -4.65
CA ILE A 48 2.74 -0.04 -3.97
C ILE A 48 3.16 -1.12 -4.96
N VAL A 49 2.52 -1.14 -6.13
CA VAL A 49 2.85 -2.15 -7.14
C VAL A 49 4.26 -1.94 -7.68
N GLN A 50 4.62 -0.68 -7.97
CA GLN A 50 5.99 -0.42 -8.42
C GLN A 50 7.00 -0.74 -7.33
N GLN A 51 6.64 -0.51 -6.06
CA GLN A 51 7.51 -0.90 -4.96
C GLN A 51 7.73 -2.40 -4.93
N GLN A 52 6.65 -3.16 -5.13
CA GLN A 52 6.77 -4.63 -5.16
C GLN A 52 7.67 -5.07 -6.31
N ASN A 53 7.54 -4.42 -7.47
CA ASN A 53 8.38 -4.78 -8.61
C ASN A 53 9.86 -4.48 -8.33
N ASN A 54 10.14 -3.32 -7.73
CA ASN A 54 11.51 -2.97 -7.38
C ASN A 54 12.07 -3.95 -6.36
N LEU A 55 11.28 -4.32 -5.36
CA LEU A 55 11.73 -5.28 -4.36
C LEU A 55 12.00 -6.65 -5.00
N LEU A 56 11.17 -7.04 -5.96
CA LEU A 56 11.38 -8.32 -6.63
C LEU A 56 12.67 -8.31 -7.46
N ARG A 57 12.94 -7.21 -8.16
CA ARG A 57 14.20 -7.10 -8.89
C ARG A 57 15.39 -7.13 -7.94
N ALA A 58 15.27 -6.45 -6.79
CA ALA A 58 16.34 -6.49 -5.80
C ALA A 58 16.56 -7.90 -5.26
N ILE A 59 15.48 -8.65 -5.09
CA ILE A 59 15.59 -10.04 -4.63
C ILE A 59 16.28 -10.89 -5.70
N GLU A 60 15.96 -10.66 -6.97
CA GLU A 60 16.63 -11.39 -8.05
C GLU A 60 18.13 -11.09 -8.06
N ALA A 61 18.51 -9.82 -7.91
CA ALA A 61 19.92 -9.47 -7.92
C ALA A 61 20.64 -10.03 -6.70
N GLN A 62 20.00 -10.00 -5.54
CA GLN A 62 20.57 -10.64 -4.36
C GLN A 62 20.71 -12.15 -4.54
N GLN A 63 19.80 -12.76 -5.31
CA GLN A 63 19.91 -14.18 -5.59
C GLN A 63 21.12 -14.47 -6.48
N HIS A 64 21.34 -13.63 -7.50
CA HIS A 64 22.55 -13.76 -8.30
C HIS A 64 23.80 -13.62 -7.42
N LEU A 65 23.78 -12.65 -6.50
CA LEU A 65 24.91 -12.47 -5.59
C LEU A 65 25.12 -13.70 -4.71
N LEU A 66 24.03 -14.30 -4.23
CA LEU A 66 24.12 -15.52 -3.43
C LEU A 66 24.73 -16.66 -4.24
N GLN A 67 24.31 -16.80 -5.50
CA GLN A 67 24.88 -17.82 -6.36
C GLN A 67 26.38 -17.62 -6.53
N LEU A 68 26.80 -16.36 -6.75
CA LEU A 68 28.22 -16.08 -6.89
C LEU A 68 29.00 -16.42 -5.62
N THR A 69 28.43 -16.09 -4.46
CA THR A 69 29.10 -16.40 -3.20
C THR A 69 29.22 -17.91 -2.99
N VAL A 70 28.16 -18.67 -3.32
CA VAL A 70 28.22 -20.12 -3.19
C VAL A 70 29.29 -20.69 -4.12
N TRP A 71 29.37 -20.17 -5.34
CA TRP A 71 30.39 -20.65 -6.26
C TRP A 71 31.80 -20.33 -5.76
N GLY A 72 31.98 -19.15 -5.18
CA GLY A 72 33.27 -18.82 -4.60
C GLY A 72 33.65 -19.75 -3.46
N ILE A 73 32.67 -20.08 -2.61
CA ILE A 73 32.90 -21.04 -1.53
C ILE A 73 33.32 -22.39 -2.11
N LYS A 74 32.64 -22.83 -3.18
CA LYS A 74 33.00 -24.10 -3.82
C LYS A 74 34.43 -24.06 -4.35
N GLN A 75 34.82 -22.95 -4.96
CA GLN A 75 36.16 -22.85 -5.54
C GLN A 75 37.23 -22.86 -4.46
N LEU A 76 37.00 -22.13 -3.36
CA LEU A 76 37.96 -22.14 -2.27
C LEU A 76 38.05 -23.52 -1.63
N GLN A 77 36.91 -24.22 -1.56
CA GLN A 77 36.92 -25.58 -1.05
C GLN A 77 37.75 -26.50 -1.92
N ALA A 78 37.59 -26.39 -3.25
CA ALA A 78 38.39 -27.22 -4.14
C ALA A 78 39.88 -26.93 -4.00
N ARG A 79 40.25 -25.64 -3.95
CA ARG A 79 41.65 -25.29 -3.82
C ARG A 79 42.25 -25.81 -2.52
N ILE A 80 41.51 -25.66 -1.40
CA ILE A 80 42.06 -26.11 -0.13
C ILE A 80 42.13 -27.63 -0.07
N LEU A 81 41.19 -28.32 -0.71
CA LEU A 81 41.26 -29.79 -0.77
C LEU A 81 42.48 -30.23 -1.55
N ALA A 82 42.76 -29.58 -2.68
CA ALA A 82 43.97 -29.89 -3.45
C ALA A 82 45.21 -29.64 -2.61
N VAL A 83 45.23 -28.52 -1.88
CA VAL A 83 46.40 -28.18 -1.06
C VAL A 83 46.64 -29.25 0.00
N GLU A 84 45.57 -29.64 0.72
CA GLU A 84 45.77 -30.60 1.80
C GLU A 84 46.09 -32.00 1.27
N ARG A 85 45.55 -32.37 0.10
CA ARG A 85 45.92 -33.64 -0.49
C ARG A 85 47.40 -33.66 -0.86
N TYR A 86 47.87 -32.62 -1.54
CA TYR A 86 49.29 -32.58 -1.91
C TYR A 86 50.19 -32.40 -0.70
N LEU A 87 49.65 -31.92 0.42
CA LEU A 87 50.43 -31.90 1.66
C LEU A 87 50.55 -33.30 2.26
N LYS A 88 49.41 -34.00 2.40
CA LYS A 88 49.44 -35.33 2.99
C LYS A 88 50.16 -36.34 2.10
N ASP A 89 50.30 -36.05 0.80
CA ASP A 89 51.10 -36.89 -0.08
C ASP A 89 52.60 -36.69 0.11
N GLN A 90 53.00 -35.90 1.10
CA GLN A 90 54.41 -35.66 1.41
C GLN A 90 55.18 -35.11 0.22
N ASP A 98 34.31 -34.41 7.93
CA ASP A 98 34.97 -33.50 7.00
C ASP A 98 34.66 -33.87 5.55
N ASP A 99 34.50 -35.17 5.31
CA ASP A 99 34.20 -35.66 3.97
C ASP A 99 32.73 -36.03 3.78
N ASP A 100 32.00 -36.30 4.85
CA ASP A 100 30.58 -36.60 4.76
C ASP A 100 29.69 -35.37 4.86
N ASP A 101 30.18 -34.29 5.47
CA ASP A 101 29.41 -33.05 5.59
C ASP A 101 29.55 -32.16 4.37
N LYS A 102 29.49 -32.74 3.17
CA LYS A 102 29.75 -32.01 1.95
C LYS A 102 28.65 -32.23 0.92
N MET A 103 28.34 -33.50 0.67
CA MET A 103 27.25 -33.82 -0.25
C MET A 103 25.91 -33.34 0.30
N GLU A 104 25.72 -33.43 1.63
CA GLU A 104 24.49 -32.93 2.24
C GLU A 104 24.37 -31.42 2.07
N TRP A 105 25.47 -30.70 2.25
CA TRP A 105 25.46 -29.25 2.06
C TRP A 105 25.13 -28.90 0.62
N ASP A 106 25.74 -29.60 -0.34
CA ASP A 106 25.45 -29.35 -1.74
C ASP A 106 23.97 -29.63 -2.06
N ARG A 107 23.44 -30.72 -1.52
CA ARG A 107 22.04 -31.06 -1.76
C ARG A 107 21.11 -29.96 -1.21
N GLU A 108 21.36 -29.52 0.02
CA GLU A 108 20.52 -28.47 0.60
C GLU A 108 20.64 -27.16 -0.18
N ILE A 109 21.86 -26.84 -0.64
CA ILE A 109 22.05 -25.65 -1.46
C ILE A 109 21.20 -25.73 -2.72
N ASN A 110 21.28 -26.85 -3.44
CA ASN A 110 20.50 -26.99 -4.66
C ASN A 110 19.01 -26.96 -4.39
N ASN A 111 18.58 -27.54 -3.27
CA ASN A 111 17.16 -27.54 -2.91
C ASN A 111 16.65 -26.13 -2.71
N TYR A 112 17.30 -25.36 -1.83
CA TYR A 112 16.88 -23.99 -1.60
C TYR A 112 17.01 -23.15 -2.86
N THR A 113 17.97 -23.49 -3.73
CA THR A 113 18.13 -22.76 -4.98
C THR A 113 16.92 -22.94 -5.88
N SER A 114 16.51 -24.19 -6.11
CA SER A 114 15.32 -24.44 -6.91
C SER A 114 14.09 -23.82 -6.27
N LEU A 115 14.00 -23.86 -4.94
CA LEU A 115 12.88 -23.23 -4.24
C LEU A 115 12.81 -21.74 -4.53
N ILE A 116 13.95 -21.06 -4.43
CA ILE A 116 13.97 -19.61 -4.67
C ILE A 116 13.64 -19.31 -6.13
N HIS A 117 14.15 -20.11 -7.06
CA HIS A 117 13.83 -19.89 -8.47
C HIS A 117 12.33 -20.02 -8.72
N SER A 118 11.71 -21.05 -8.14
CA SER A 118 10.27 -21.23 -8.28
C SER A 118 9.50 -20.05 -7.70
N LEU A 119 9.90 -19.60 -6.50
CA LEU A 119 9.22 -18.49 -5.86
C LEU A 119 9.35 -17.22 -6.69
N ILE A 120 10.52 -17.00 -7.31
CA ILE A 120 10.73 -15.79 -8.11
C ILE A 120 9.90 -15.85 -9.39
N GLU A 121 9.79 -17.03 -10.01
CA GLU A 121 8.92 -17.16 -11.18
C GLU A 121 7.47 -16.83 -10.82
N GLU A 122 6.98 -17.43 -9.73
CA GLU A 122 5.61 -17.12 -9.30
C GLU A 122 5.43 -15.66 -8.94
N SER A 123 6.47 -15.03 -8.37
CA SER A 123 6.38 -13.61 -8.00
C SER A 123 6.30 -12.73 -9.23
N GLN A 124 7.07 -13.06 -10.27
CA GLN A 124 6.98 -12.33 -11.53
C GLN A 124 5.58 -12.44 -12.12
N ASN A 125 5.02 -13.67 -12.13
CA ASN A 125 3.66 -13.85 -12.61
C ASN A 125 2.69 -12.98 -11.82
N GLN A 126 2.80 -12.99 -10.49
CA GLN A 126 1.88 -12.22 -9.66
C GLN A 126 2.03 -10.73 -9.89
N GLN A 127 3.25 -10.27 -10.12
CA GLN A 127 3.49 -8.85 -10.38
C GLN A 127 2.81 -8.42 -11.68
N GLU A 128 2.97 -9.23 -12.73
CA GLU A 128 2.28 -8.92 -13.99
C GLU A 128 0.77 -8.91 -13.80
N LYS A 129 0.25 -9.86 -13.02
CA LYS A 129 -1.18 -9.89 -12.74
C LYS A 129 -1.64 -8.62 -12.05
N ASN A 130 -0.89 -8.16 -11.05
CA ASN A 130 -1.28 -6.96 -10.31
C ASN A 130 -1.27 -5.74 -11.21
N GLU A 131 -0.24 -5.59 -12.04
CA GLU A 131 -0.18 -4.46 -12.96
C GLU A 131 -1.36 -4.48 -13.93
N GLN A 132 -1.71 -5.67 -14.43
CA GLN A 132 -2.85 -5.78 -15.34
C GLN A 132 -4.15 -5.39 -14.65
N GLU A 133 -4.32 -5.80 -13.38
CA GLU A 133 -5.55 -5.46 -12.66
C GLU A 133 -5.63 -3.96 -12.42
N LEU A 134 -4.50 -3.31 -12.15
CA LEU A 134 -4.49 -1.85 -12.02
C LEU A 134 -4.91 -1.19 -13.32
N LEU A 135 -4.37 -1.67 -14.45
CA LEU A 135 -4.75 -1.12 -15.75
C LEU A 135 -6.26 -1.29 -16.00
N GLU A 136 -6.83 -2.42 -15.57
CA GLU A 136 -8.26 -2.63 -15.76
C GLU A 136 -9.10 -1.70 -14.88
N LEU A 137 -8.64 -1.47 -13.64
CA LEU A 137 -9.26 -0.45 -12.79
C LEU A 137 -9.35 0.88 -13.52
N ASP A 138 -8.23 1.31 -14.09
CA ASP A 138 -8.26 2.59 -14.82
C ASP A 138 -9.11 2.51 -16.08
N LYS A 139 -9.19 1.33 -16.70
CA LYS A 139 -10.07 1.14 -17.85
C LYS A 139 -11.52 1.48 -17.48
N TRP A 140 -12.00 0.91 -16.38
CA TRP A 140 -13.39 1.20 -15.98
C TRP A 140 -13.55 2.65 -15.53
N ALA A 141 -12.55 3.18 -14.80
CA ALA A 141 -12.58 4.58 -14.40
C ALA A 141 -12.77 5.49 -15.60
N SER A 142 -12.08 5.20 -16.71
CA SER A 142 -12.33 5.93 -17.94
C SER A 142 -13.66 5.54 -18.59
N LEU A 143 -14.16 4.34 -18.29
CA LEU A 143 -15.42 3.90 -18.89
C LEU A 143 -16.58 4.79 -18.46
N TRP A 144 -16.66 5.14 -17.18
CA TRP A 144 -17.86 5.92 -16.81
C TRP A 144 -17.71 7.42 -17.09
N ASN A 145 -16.72 8.08 -16.48
CA ASN A 145 -16.41 9.49 -16.72
C ASN A 145 -17.60 10.35 -16.28
N TRP A 146 -18.14 11.23 -17.13
CA TRP A 146 -19.32 12.02 -16.78
C TRP A 146 -20.45 11.92 -17.78
N PHE A 147 -20.19 11.37 -18.96
CA PHE A 147 -21.06 11.50 -20.12
C PHE A 147 -21.51 10.16 -20.70
N ASN A 148 -20.73 9.09 -20.56
CA ASN A 148 -21.30 7.77 -20.81
C ASN A 148 -22.39 7.44 -19.80
N ILE A 149 -22.34 8.08 -18.63
CA ILE A 149 -23.40 7.97 -17.64
C ILE A 149 -24.74 8.41 -18.22
N THR A 150 -24.75 9.54 -18.94
CA THR A 150 -26.01 10.06 -19.47
C THR A 150 -26.57 9.14 -20.55
N ASN A 151 -25.73 8.65 -21.46
CA ASN A 151 -26.20 7.75 -22.49
C ASN A 151 -26.70 6.43 -21.89
N TRP A 152 -26.01 5.94 -20.86
CA TRP A 152 -26.43 4.69 -20.23
C TRP A 152 -27.75 4.86 -19.50
N LEU A 153 -27.95 5.99 -18.81
CA LEU A 153 -29.24 6.22 -18.17
C LEU A 153 -30.33 6.47 -19.21
N TRP A 154 -29.97 6.98 -20.38
CA TRP A 154 -30.93 7.08 -21.48
C TRP A 154 -31.40 5.71 -21.93
N TYR A 155 -30.46 4.78 -22.11
CA TYR A 155 -30.84 3.42 -22.47
C TYR A 155 -31.62 2.73 -21.35
N ILE A 156 -31.30 3.04 -20.09
CA ILE A 156 -32.08 2.51 -18.97
C ILE A 156 -33.51 3.05 -19.02
N LYS A 157 -33.66 4.33 -19.39
CA LYS A 157 -34.97 4.93 -19.59
C LYS A 157 -35.76 4.17 -20.65
N LEU A 158 -35.14 3.91 -21.79
CA LEU A 158 -35.78 3.12 -22.84
C LEU A 158 -36.19 1.74 -22.33
N PHE A 159 -35.30 1.08 -21.58
CA PHE A 159 -35.58 -0.25 -21.07
C PHE A 159 -36.80 -0.25 -20.16
N ILE A 160 -36.84 0.70 -19.20
CA ILE A 160 -37.96 0.77 -18.27
C ILE A 160 -39.25 1.05 -19.02
N MET A 161 -39.21 1.96 -20.00
CA MET A 161 -40.42 2.26 -20.77
C MET A 161 -40.94 1.02 -21.48
N ILE A 162 -40.05 0.28 -22.15
CA ILE A 162 -40.48 -0.89 -22.92
C ILE A 162 -41.08 -1.94 -22.00
N VAL A 163 -40.37 -2.27 -20.91
CA VAL A 163 -40.84 -3.34 -20.03
C VAL A 163 -42.15 -2.94 -19.36
N GLY A 164 -42.28 -1.67 -18.96
CA GLY A 164 -43.52 -1.21 -18.38
C GLY A 164 -44.68 -1.30 -19.34
N GLY A 165 -44.46 -0.90 -20.60
CA GLY A 165 -45.51 -1.04 -21.60
C GLY A 165 -45.93 -2.49 -21.79
N LEU A 166 -44.96 -3.40 -21.82
CA LEU A 166 -45.28 -4.82 -22.00
C LEU A 166 -46.13 -5.35 -20.85
N VAL A 167 -45.71 -5.09 -19.61
CA VAL A 167 -46.48 -5.61 -18.48
C VAL A 167 -47.84 -4.89 -18.38
N GLY A 168 -47.92 -3.65 -18.87
CA GLY A 168 -49.21 -2.99 -18.92
C GLY A 168 -50.16 -3.65 -19.89
N LEU A 169 -49.65 -4.01 -21.08
CA LEU A 169 -50.49 -4.76 -22.02
C LEU A 169 -50.91 -6.11 -21.43
N ARG A 170 -50.03 -6.73 -20.65
CA ARG A 170 -50.40 -7.97 -19.97
C ARG A 170 -51.55 -7.74 -18.98
N ILE A 171 -51.47 -6.67 -18.20
CA ILE A 171 -52.55 -6.33 -17.28
C ILE A 171 -53.84 -6.07 -18.04
N VAL A 172 -53.74 -5.40 -19.19
CA VAL A 172 -54.93 -5.12 -20.00
C VAL A 172 -55.57 -6.40 -20.47
N PHE A 173 -54.75 -7.37 -20.93
CA PHE A 173 -55.31 -8.64 -21.38
C PHE A 173 -55.90 -9.43 -20.23
N ALA A 174 -55.32 -9.32 -19.03
CA ALA A 174 -55.93 -9.95 -17.86
C ALA A 174 -57.31 -9.36 -17.58
N VAL A 175 -57.43 -8.03 -17.61
CA VAL A 175 -58.73 -7.40 -17.39
C VAL A 175 -59.71 -7.80 -18.49
N LEU A 176 -59.22 -7.92 -19.72
CA LEU A 176 -60.08 -8.31 -20.83
C LEU A 176 -60.60 -9.73 -20.66
N SER A 177 -59.74 -10.64 -20.20
CA SER A 177 -60.18 -12.00 -19.94
C SER A 177 -61.16 -12.06 -18.77
N VAL A 178 -60.99 -11.19 -17.78
CA VAL A 178 -61.96 -11.11 -16.70
C VAL A 178 -63.31 -10.63 -17.24
N VAL A 179 -63.30 -9.65 -18.14
CA VAL A 179 -64.54 -9.13 -18.70
C VAL A 179 -65.22 -10.18 -19.57
N ASN A 180 -64.45 -10.91 -20.36
CA ASN A 180 -64.99 -11.94 -21.24
C ASN A 180 -65.66 -13.06 -20.46
N GLY B 27 -31.90 1.38 12.04
CA GLY B 27 -32.28 2.36 11.05
C GLY B 27 -31.15 2.79 10.14
N SER B 28 -31.40 3.81 9.31
CA SER B 28 -30.36 4.33 8.42
C SER B 28 -29.21 4.93 9.20
N THR B 29 -29.48 5.49 10.38
CA THR B 29 -28.39 6.01 11.21
C THR B 29 -27.43 4.90 11.61
N MET B 30 -27.98 3.76 12.04
CA MET B 30 -27.16 2.60 12.40
C MET B 30 -26.73 1.80 11.19
N GLY B 31 -27.23 2.14 10.00
CA GLY B 31 -26.77 1.52 8.77
C GLY B 31 -25.63 2.29 8.15
N ALA B 32 -25.01 3.18 8.93
CA ALA B 32 -23.86 3.95 8.49
C ALA B 32 -22.55 3.32 8.95
N ALA B 33 -22.58 2.06 9.36
CA ALA B 33 -21.38 1.34 9.75
C ALA B 33 -20.56 0.87 8.56
N SER B 34 -20.97 1.23 7.34
CA SER B 34 -20.16 0.97 6.16
C SER B 34 -18.78 1.60 6.31
N MET B 35 -18.69 2.73 7.02
CA MET B 35 -17.41 3.34 7.32
C MET B 35 -16.47 2.33 7.97
N THR B 36 -16.99 1.51 8.89
CA THR B 36 -16.18 0.51 9.57
C THR B 36 -15.52 -0.45 8.61
N LEU B 37 -16.15 -0.69 7.45
CA LEU B 37 -15.50 -1.42 6.38
C LEU B 37 -14.56 -0.51 5.61
N THR B 38 -15.03 0.68 5.25
CA THR B 38 -14.17 1.64 4.55
C THR B 38 -12.92 1.93 5.36
N VAL B 39 -13.09 2.31 6.64
CA VAL B 39 -11.96 2.46 7.54
C VAL B 39 -11.05 1.24 7.46
N GLN B 40 -11.66 0.05 7.50
CA GLN B 40 -10.91 -1.19 7.35
C GLN B 40 -9.96 -1.09 6.16
N ALA B 41 -10.52 -0.82 4.97
CA ALA B 41 -9.73 -0.63 3.76
C ALA B 41 -8.55 0.31 4.04
N ARG B 42 -8.85 1.50 4.56
CA ARG B 42 -7.82 2.44 4.98
C ARG B 42 -6.70 1.74 5.73
N GLN B 43 -7.03 1.17 6.90
CA GLN B 43 -6.02 0.51 7.71
C GLN B 43 -5.29 -0.56 6.91
N LEU B 44 -6.04 -1.35 6.13
CA LEU B 44 -5.41 -2.39 5.32
C LEU B 44 -4.28 -1.81 4.48
N LEU B 45 -4.58 -0.73 3.75
CA LEU B 45 -3.55 -0.08 2.95
C LEU B 45 -2.32 0.22 3.80
N SER B 46 -2.52 0.89 4.94
CA SER B 46 -1.41 1.20 5.82
C SER B 46 -0.61 -0.06 6.15
N GLY B 47 -1.32 -1.11 6.56
CA GLY B 47 -0.67 -2.38 6.85
C GLY B 47 0.20 -2.80 5.69
N ILE B 48 -0.40 -2.90 4.51
CA ILE B 48 0.33 -3.28 3.32
C ILE B 48 1.54 -2.37 3.14
N VAL B 49 1.31 -1.05 3.23
CA VAL B 49 2.41 -0.10 3.12
C VAL B 49 3.52 -0.46 4.09
N GLN B 50 3.17 -0.60 5.37
CA GLN B 50 4.17 -0.98 6.37
C GLN B 50 4.89 -2.25 5.96
N GLN B 51 4.12 -3.26 5.52
CA GLN B 51 4.72 -4.51 5.09
C GLN B 51 5.80 -4.27 4.04
N GLN B 52 5.48 -3.44 3.04
CA GLN B 52 6.47 -3.06 2.04
C GLN B 52 7.75 -2.61 2.72
N ASN B 53 7.64 -1.57 3.56
CA ASN B 53 8.78 -1.09 4.34
C ASN B 53 9.49 -2.25 5.00
N ASN B 54 8.75 -3.07 5.76
CA ASN B 54 9.33 -4.22 6.43
C ASN B 54 10.19 -5.03 5.45
N LEU B 55 9.57 -5.49 4.36
CA LEU B 55 10.29 -6.31 3.39
C LEU B 55 11.57 -5.61 2.94
N LEU B 56 11.45 -4.33 2.58
CA LEU B 56 12.61 -3.58 2.15
C LEU B 56 13.74 -3.67 3.16
N ARG B 57 13.43 -3.38 4.43
CA ARG B 57 14.43 -3.48 5.49
C ARG B 57 15.11 -4.83 5.45
N ALA B 58 14.32 -5.91 5.43
CA ALA B 58 14.88 -7.25 5.39
C ALA B 58 15.88 -7.37 4.24
N ILE B 59 15.44 -6.99 3.04
CA ILE B 59 16.33 -7.06 1.88
C ILE B 59 17.63 -6.32 2.18
N GLU B 60 17.52 -5.08 2.64
CA GLU B 60 18.70 -4.29 2.96
C GLU B 60 19.63 -5.07 3.88
N ALA B 61 19.07 -5.62 4.97
CA ALA B 61 19.90 -6.37 5.90
C ALA B 61 20.59 -7.52 5.20
N GLN B 62 19.82 -8.32 4.43
CA GLN B 62 20.42 -9.40 3.65
C GLN B 62 21.60 -8.87 2.84
N GLN B 63 21.39 -7.74 2.16
CA GLN B 63 22.45 -7.15 1.36
C GLN B 63 23.72 -6.97 2.18
N HIS B 64 23.60 -6.31 3.34
CA HIS B 64 24.77 -6.13 4.21
C HIS B 64 25.37 -7.48 4.55
N LEU B 65 24.54 -8.43 4.99
CA LEU B 65 25.03 -9.78 5.26
C LEU B 65 25.76 -10.32 4.05
N LEU B 66 25.15 -10.21 2.87
CA LEU B 66 25.81 -10.61 1.63
C LEU B 66 27.21 -10.02 1.56
N GLN B 67 27.30 -8.69 1.69
CA GLN B 67 28.60 -8.02 1.66
C GLN B 67 29.56 -8.69 2.62
N LEU B 68 29.13 -8.88 3.87
CA LEU B 68 29.97 -9.54 4.86
C LEU B 68 30.51 -10.85 4.32
N THR B 69 29.60 -11.74 3.88
CA THR B 69 30.03 -13.00 3.31
C THR B 69 31.06 -12.77 2.22
N VAL B 70 30.75 -11.89 1.28
CA VAL B 70 31.67 -11.58 0.19
C VAL B 70 33.05 -11.27 0.75
N TRP B 71 33.10 -10.29 1.68
CA TRP B 71 34.37 -9.91 2.28
C TRP B 71 35.08 -11.13 2.85
N GLY B 72 34.37 -11.91 3.66
CA GLY B 72 34.97 -13.10 4.23
C GLY B 72 35.59 -13.98 3.16
N ILE B 73 34.81 -14.27 2.11
CA ILE B 73 35.31 -15.10 1.02
C ILE B 73 36.65 -14.57 0.53
N LYS B 74 36.71 -13.27 0.22
CA LYS B 74 37.96 -12.68 -0.25
C LYS B 74 39.09 -13.00 0.71
N GLN B 75 38.90 -12.70 2.00
CA GLN B 75 39.92 -13.00 2.99
C GLN B 75 40.36 -14.46 2.91
N LEU B 76 39.39 -15.37 2.93
CA LEU B 76 39.71 -16.79 2.81
C LEU B 76 40.57 -17.03 1.56
N GLN B 77 40.10 -16.54 0.41
CA GLN B 77 40.89 -16.66 -0.80
C GLN B 77 42.28 -16.09 -0.60
N ALA B 78 42.35 -14.85 -0.10
CA ALA B 78 43.66 -14.26 0.21
C ALA B 78 44.48 -15.21 1.05
N ARG B 79 43.90 -15.69 2.15
CA ARG B 79 44.62 -16.61 3.03
C ARG B 79 45.13 -17.80 2.25
N ILE B 80 44.26 -18.44 1.46
CA ILE B 80 44.68 -19.65 0.76
C ILE B 80 45.83 -19.33 -0.18
N LEU B 81 45.80 -18.14 -0.82
CA LEU B 81 46.90 -17.74 -1.68
C LEU B 81 48.21 -17.81 -0.93
N ALA B 82 48.25 -17.20 0.26
CA ALA B 82 49.44 -17.29 1.11
C ALA B 82 49.88 -18.73 1.27
N VAL B 83 48.97 -19.60 1.72
CA VAL B 83 49.32 -21.00 1.91
C VAL B 83 49.87 -21.58 0.61
N GLU B 84 49.19 -21.28 -0.50
CA GLU B 84 49.65 -21.80 -1.78
C GLU B 84 51.02 -21.24 -2.14
N ARG B 85 51.26 -19.95 -1.86
CA ARG B 85 52.59 -19.40 -2.08
C ARG B 85 53.61 -20.12 -1.21
N TYR B 86 53.20 -20.49 0.00
CA TYR B 86 54.09 -21.23 0.91
C TYR B 86 54.57 -22.53 0.26
N LEU B 87 53.78 -23.07 -0.68
CA LEU B 87 54.15 -24.32 -1.32
C LEU B 87 55.09 -24.12 -2.51
N LYS B 88 55.24 -22.89 -3.01
CA LYS B 88 56.14 -22.68 -4.13
C LYS B 88 57.58 -22.49 -3.66
N ASP B 89 57.79 -21.62 -2.70
CA ASP B 89 59.13 -21.36 -2.18
C ASP B 89 59.53 -22.43 -1.18
N LYS B 102 39.28 -13.54 -9.03
CA LYS B 102 39.67 -13.31 -10.42
C LYS B 102 38.97 -12.06 -10.95
N MET B 103 39.29 -11.68 -12.19
CA MET B 103 38.80 -10.45 -12.79
C MET B 103 37.45 -10.61 -13.49
N GLU B 104 36.71 -11.66 -13.18
CA GLU B 104 35.35 -11.78 -13.66
C GLU B 104 34.36 -12.09 -12.55
N TRP B 105 34.72 -12.95 -11.60
CA TRP B 105 33.87 -13.12 -10.43
C TRP B 105 33.70 -11.79 -9.71
N ASP B 106 34.80 -11.07 -9.50
CA ASP B 106 34.70 -9.73 -8.94
C ASP B 106 33.89 -8.81 -9.83
N ARG B 107 33.98 -8.99 -11.15
CA ARG B 107 33.24 -8.13 -12.08
C ARG B 107 31.74 -8.26 -11.84
N GLU B 108 31.22 -9.49 -11.88
CA GLU B 108 29.79 -9.68 -11.66
C GLU B 108 29.39 -9.39 -10.21
N ILE B 109 30.28 -9.67 -9.25
CA ILE B 109 30.00 -9.30 -7.86
C ILE B 109 29.74 -7.81 -7.76
N ASN B 110 30.64 -7.00 -8.32
CA ASN B 110 30.49 -5.54 -8.24
C ASN B 110 29.30 -5.06 -9.06
N ASN B 111 29.05 -5.67 -10.22
CA ASN B 111 27.90 -5.29 -11.04
C ASN B 111 26.61 -5.50 -10.27
N TYR B 112 26.40 -6.71 -9.73
CA TYR B 112 25.17 -6.98 -9.01
C TYR B 112 25.11 -6.22 -7.69
N THR B 113 26.26 -5.91 -7.08
CA THR B 113 26.25 -5.11 -5.86
C THR B 113 25.79 -3.68 -6.14
N SER B 114 26.33 -3.06 -7.18
CA SER B 114 25.87 -1.73 -7.58
C SER B 114 24.41 -1.76 -8.00
N LEU B 115 23.98 -2.85 -8.65
CA LEU B 115 22.58 -2.99 -9.02
C LEU B 115 21.69 -3.02 -7.79
N ILE B 116 22.07 -3.82 -6.78
CA ILE B 116 21.27 -3.92 -5.57
C ILE B 116 21.26 -2.59 -4.83
N HIS B 117 22.39 -1.87 -4.82
CA HIS B 117 22.43 -0.58 -4.13
C HIS B 117 21.55 0.45 -4.83
N SER B 118 21.62 0.51 -6.16
CA SER B 118 20.76 1.43 -6.89
C SER B 118 19.28 1.07 -6.70
N LEU B 119 18.97 -0.23 -6.69
CA LEU B 119 17.59 -0.65 -6.50
C LEU B 119 17.11 -0.38 -5.08
N ILE B 120 17.98 -0.50 -4.09
CA ILE B 120 17.62 -0.17 -2.72
C ILE B 120 17.37 1.33 -2.58
N GLU B 121 18.18 2.15 -3.25
CA GLU B 121 17.94 3.59 -3.23
C GLU B 121 16.62 3.93 -3.89
N GLU B 122 16.35 3.34 -5.06
CA GLU B 122 15.08 3.56 -5.73
C GLU B 122 13.90 3.11 -4.87
N SER B 123 14.05 1.96 -4.20
CA SER B 123 12.97 1.43 -3.38
C SER B 123 12.76 2.25 -2.12
N GLN B 124 13.83 2.83 -1.56
CA GLN B 124 13.68 3.70 -0.39
C GLN B 124 12.99 5.00 -0.77
N ASN B 125 13.36 5.57 -1.93
CA ASN B 125 12.65 6.74 -2.43
C ASN B 125 11.18 6.42 -2.69
N GLN B 126 10.92 5.25 -3.29
CA GLN B 126 9.54 4.84 -3.55
C GLN B 126 8.77 4.62 -2.25
N GLN B 127 9.44 4.13 -1.20
CA GLN B 127 8.76 3.91 0.07
C GLN B 127 8.44 5.23 0.75
N GLU B 128 9.36 6.18 0.71
CA GLU B 128 9.06 7.53 1.19
C GLU B 128 7.86 8.11 0.45
N LYS B 129 7.85 7.96 -0.88
CA LYS B 129 6.75 8.49 -1.67
C LYS B 129 5.43 7.81 -1.33
N ASN B 130 5.46 6.48 -1.16
CA ASN B 130 4.24 5.75 -0.84
C ASN B 130 3.71 6.12 0.54
N GLU B 131 4.60 6.26 1.53
CA GLU B 131 4.16 6.63 2.87
C GLU B 131 3.58 8.04 2.88
N GLN B 132 4.24 8.97 2.19
CA GLN B 132 3.72 10.34 2.14
C GLN B 132 2.38 10.40 1.39
N GLU B 133 2.23 9.61 0.32
CA GLU B 133 0.96 9.53 -0.39
C GLU B 133 -0.15 8.96 0.50
N LEU B 134 0.21 8.05 1.40
CA LEU B 134 -0.82 7.49 2.31
C LEU B 134 -1.27 8.52 3.33
N LEU B 135 -0.39 9.40 3.80
CA LEU B 135 -0.89 10.45 4.72
C LEU B 135 -1.76 11.42 3.94
N GLU B 136 -1.49 11.62 2.66
CA GLU B 136 -2.26 12.63 1.91
C GLU B 136 -3.52 11.92 1.49
N LEU B 137 -3.65 10.68 1.92
CA LEU B 137 -4.90 9.96 1.67
C LEU B 137 -5.65 9.77 3.00
N ASP B 138 -4.98 9.81 4.14
CA ASP B 138 -5.77 9.70 5.40
C ASP B 138 -6.54 11.00 5.61
N LYS B 139 -6.69 11.81 4.57
CA LYS B 139 -7.47 13.03 4.61
C LYS B 139 -8.94 12.71 4.45
N TRP B 140 -9.78 13.50 5.12
CA TRP B 140 -11.24 13.38 5.09
C TRP B 140 -11.73 12.07 5.71
N ALA B 141 -12.97 12.15 6.19
CA ALA B 141 -13.68 10.97 6.72
C ALA B 141 -13.18 10.42 8.04
N SER B 142 -13.51 9.15 8.30
CA SER B 142 -13.08 8.46 9.54
C SER B 142 -13.78 9.03 10.76
N LEU B 143 -14.92 9.74 10.56
CA LEU B 143 -15.71 10.33 11.70
C LEU B 143 -16.91 11.10 11.18
N TRP B 144 -17.10 12.33 11.65
CA TRP B 144 -18.35 13.06 11.35
C TRP B 144 -18.45 13.82 10.02
N ASN B 145 -17.44 13.82 9.17
CA ASN B 145 -17.67 14.51 7.87
C ASN B 145 -18.25 13.46 6.94
N TRP B 146 -17.42 12.53 6.49
CA TRP B 146 -17.94 11.42 5.71
C TRP B 146 -18.53 10.39 6.67
N PHE B 147 -19.81 10.55 6.95
CA PHE B 147 -20.59 9.68 7.81
C PHE B 147 -22.01 10.21 7.76
N ASN B 148 -22.12 11.48 8.09
CA ASN B 148 -23.43 12.12 7.99
C ASN B 148 -23.77 12.11 6.50
N ILE B 149 -22.78 12.21 5.62
CA ILE B 149 -23.16 12.29 4.18
C ILE B 149 -23.78 10.95 3.81
N THR B 150 -23.15 9.89 4.28
CA THR B 150 -23.66 8.54 3.96
C THR B 150 -25.06 8.43 4.58
N ASN B 151 -25.23 8.92 5.81
CA ASN B 151 -26.53 8.75 6.48
C ASN B 151 -27.58 9.48 5.65
N TRP B 152 -27.29 10.70 5.22
CA TRP B 152 -28.34 11.46 4.50
C TRP B 152 -28.65 10.76 3.18
N LEU B 153 -27.63 10.24 2.50
CA LEU B 153 -27.90 9.62 1.17
C LEU B 153 -28.78 8.41 1.39
N TRP B 154 -28.49 7.65 2.44
CA TRP B 154 -29.28 6.42 2.73
C TRP B 154 -30.71 6.84 3.06
N TYR B 155 -30.88 7.94 3.79
CA TYR B 155 -32.21 8.45 4.15
C TYR B 155 -32.97 8.83 2.89
N ILE B 156 -32.31 9.48 1.95
CA ILE B 156 -33.00 9.82 0.68
C ILE B 156 -33.40 8.54 -0.05
N LYS B 157 -32.50 7.55 -0.03
CA LYS B 157 -32.82 6.31 -0.77
C LYS B 157 -34.06 5.71 -0.12
N LEU B 158 -34.11 5.75 1.21
CA LEU B 158 -35.25 5.15 1.95
C LEU B 158 -36.51 5.89 1.56
N PHE B 159 -36.44 7.22 1.48
CA PHE B 159 -37.67 7.98 1.17
C PHE B 159 -38.10 7.53 -0.21
N ILE B 160 -37.17 7.41 -1.14
CA ILE B 160 -37.61 7.07 -2.51
C ILE B 160 -38.24 5.67 -2.48
N MET B 161 -37.66 4.75 -1.75
CA MET B 161 -38.19 3.36 -1.74
C MET B 161 -39.59 3.36 -1.11
N ILE B 162 -39.79 4.13 -0.05
CA ILE B 162 -41.10 4.16 0.66
C ILE B 162 -42.11 4.73 -0.33
N VAL B 163 -41.71 5.78 -1.04
CA VAL B 163 -42.69 6.41 -1.97
C VAL B 163 -43.06 5.36 -3.01
N GLY B 164 -42.07 4.65 -3.52
CA GLY B 164 -42.38 3.67 -4.58
C GLY B 164 -43.32 2.60 -4.06
N GLY B 165 -43.06 2.09 -2.86
CA GLY B 165 -43.91 1.01 -2.34
C GLY B 165 -45.32 1.52 -2.15
N LEU B 166 -45.45 2.72 -1.60
CA LEU B 166 -46.79 3.27 -1.31
C LEU B 166 -47.52 3.36 -2.63
N VAL B 167 -46.83 3.81 -3.66
CA VAL B 167 -47.54 4.01 -4.95
C VAL B 167 -47.78 2.64 -5.59
N LEU C 18 -43.09 9.67 -8.79
CA LEU C 18 -43.03 10.22 -10.15
C LEU C 18 -41.62 10.10 -10.71
N LEU C 19 -41.19 11.13 -11.46
CA LEU C 19 -39.83 11.14 -12.01
C LEU C 19 -38.77 11.09 -10.93
N LEU C 20 -39.12 11.41 -9.68
CA LEU C 20 -38.19 11.20 -8.57
C LEU C 20 -37.81 9.72 -8.47
N GLY C 21 -38.77 8.83 -8.65
CA GLY C 21 -38.48 7.41 -8.65
C GLY C 21 -37.70 6.96 -9.86
N PHE C 22 -37.88 7.62 -11.00
CA PHE C 22 -37.12 7.27 -12.19
C PHE C 22 -35.65 7.66 -12.05
N LEU C 23 -35.38 8.86 -11.53
CA LEU C 23 -34.01 9.24 -11.21
C LEU C 23 -33.47 8.45 -10.03
N GLY C 24 -34.35 8.01 -9.14
CA GLY C 24 -33.93 7.11 -8.07
C GLY C 24 -33.70 5.69 -8.57
N ALA C 25 -34.38 5.30 -9.65
CA ALA C 25 -34.11 4.01 -10.27
C ALA C 25 -32.84 4.06 -11.12
N ALA C 26 -32.58 5.19 -11.77
CA ALA C 26 -31.37 5.33 -12.56
C ALA C 26 -30.13 5.30 -11.66
N GLY C 27 -30.18 6.03 -10.54
CA GLY C 27 -29.05 6.02 -9.62
C GLY C 27 -28.83 4.67 -8.97
N SER C 28 -29.91 3.98 -8.62
CA SER C 28 -29.78 2.66 -7.99
C SER C 28 -29.16 1.66 -8.97
N THR C 29 -29.48 1.78 -10.26
CA THR C 29 -28.87 0.91 -11.26
C THR C 29 -27.39 1.22 -11.46
N MET C 30 -26.94 2.42 -11.07
CA MET C 30 -25.51 2.72 -11.08
C MET C 30 -24.76 2.02 -9.95
N GLY C 31 -25.42 1.11 -9.22
CA GLY C 31 -24.72 0.26 -8.28
C GLY C 31 -23.86 -0.80 -8.94
N ALA C 32 -24.20 -1.18 -10.18
CA ALA C 32 -23.29 -2.02 -10.96
C ALA C 32 -22.04 -1.26 -11.35
N ALA C 33 -22.15 0.07 -11.49
CA ALA C 33 -20.97 0.88 -11.74
C ALA C 33 -20.06 0.93 -10.52
N SER C 34 -20.63 0.90 -9.32
CA SER C 34 -19.82 0.86 -8.11
C SER C 34 -19.27 -0.53 -7.84
N MET C 35 -20.09 -1.55 -8.05
CA MET C 35 -19.63 -2.93 -7.86
C MET C 35 -18.50 -3.27 -8.82
N THR C 36 -18.49 -2.65 -10.00
CA THR C 36 -17.48 -2.97 -11.00
C THR C 36 -16.09 -2.55 -10.54
N LEU C 37 -15.97 -1.34 -9.99
CA LEU C 37 -14.66 -0.81 -9.64
C LEU C 37 -14.20 -1.22 -8.25
N THR C 38 -15.12 -1.41 -7.30
CA THR C 38 -14.73 -1.80 -5.95
C THR C 38 -14.30 -3.25 -5.85
N VAL C 39 -14.77 -4.12 -6.75
CA VAL C 39 -14.37 -5.52 -6.72
C VAL C 39 -12.96 -5.69 -7.26
N GLN C 40 -12.67 -5.08 -8.43
CA GLN C 40 -11.33 -5.16 -8.98
C GLN C 40 -10.29 -4.54 -8.05
N ALA C 41 -10.68 -3.53 -7.27
CA ALA C 41 -9.79 -2.99 -6.25
C ALA C 41 -9.44 -4.06 -5.23
N ARG C 42 -10.45 -4.71 -4.66
CA ARG C 42 -10.20 -5.79 -3.70
C ARG C 42 -9.41 -6.93 -4.34
N GLN C 43 -9.58 -7.14 -5.65
CA GLN C 43 -8.74 -8.11 -6.36
C GLN C 43 -7.28 -7.69 -6.30
N LEU C 44 -7.00 -6.42 -6.59
CA LEU C 44 -5.63 -5.92 -6.51
C LEU C 44 -5.10 -5.95 -5.09
N LEU C 45 -5.97 -5.73 -4.10
CA LEU C 45 -5.54 -5.84 -2.71
C LEU C 45 -5.10 -7.27 -2.38
N SER C 46 -5.78 -8.26 -2.95
CA SER C 46 -5.43 -9.65 -2.69
C SER C 46 -4.11 -10.03 -3.36
N GLY C 47 -3.96 -9.69 -4.64
CA GLY C 47 -2.72 -9.99 -5.33
C GLY C 47 -1.52 -9.25 -4.74
N ILE C 48 -1.75 -8.06 -4.20
CA ILE C 48 -0.68 -7.32 -3.53
C ILE C 48 -0.26 -8.06 -2.26
N VAL C 49 -1.23 -8.51 -1.46
CA VAL C 49 -0.90 -9.27 -0.26
C VAL C 49 -0.24 -10.59 -0.62
N GLN C 50 -0.75 -11.28 -1.63
CA GLN C 50 -0.16 -12.55 -2.03
C GLN C 50 1.24 -12.34 -2.60
N GLN C 51 1.49 -11.20 -3.25
CA GLN C 51 2.83 -10.90 -3.74
C GLN C 51 3.81 -10.70 -2.61
N GLN C 52 3.41 -9.96 -1.56
CA GLN C 52 4.27 -9.77 -0.42
C GLN C 52 4.59 -11.10 0.26
N ASN C 53 3.61 -12.01 0.30
CA ASN C 53 3.86 -13.33 0.86
C ASN C 53 4.88 -14.09 0.02
N ASN C 54 4.87 -13.88 -1.29
CA ASN C 54 5.88 -14.51 -2.15
C ASN C 54 7.26 -13.92 -1.88
N LEU C 55 7.35 -12.59 -1.79
CA LEU C 55 8.63 -11.95 -1.50
C LEU C 55 9.15 -12.33 -0.12
N LEU C 56 8.26 -12.35 0.88
CA LEU C 56 8.68 -12.70 2.24
C LEU C 56 9.24 -14.11 2.30
N ARG C 57 8.50 -15.08 1.76
CA ARG C 57 8.98 -16.45 1.74
C ARG C 57 10.23 -16.59 0.87
N ALA C 58 10.39 -15.71 -0.12
CA ALA C 58 11.64 -15.69 -0.88
C ALA C 58 12.78 -15.16 -0.03
N ILE C 59 12.51 -14.14 0.79
CA ILE C 59 13.51 -13.67 1.75
C ILE C 59 13.81 -14.77 2.78
N GLU C 60 12.80 -15.56 3.14
CA GLU C 60 13.04 -16.69 4.05
C GLU C 60 14.02 -17.68 3.46
N ALA C 61 13.74 -18.16 2.25
CA ALA C 61 14.60 -19.16 1.63
C ALA C 61 15.99 -18.60 1.33
N GLN C 62 16.06 -17.33 0.92
CA GLN C 62 17.37 -16.69 0.73
C GLN C 62 18.12 -16.57 2.05
N GLN C 63 17.40 -16.41 3.16
CA GLN C 63 18.04 -16.39 4.47
C GLN C 63 18.57 -17.77 4.83
N HIS C 64 17.79 -18.82 4.54
CA HIS C 64 18.31 -20.18 4.68
C HIS C 64 19.54 -20.38 3.81
N LEU C 65 19.52 -19.82 2.60
CA LEU C 65 20.69 -19.90 1.72
C LEU C 65 21.86 -19.11 2.28
N LEU C 66 21.59 -18.00 2.97
CA LEU C 66 22.65 -17.23 3.60
C LEU C 66 23.31 -18.00 4.73
N GLN C 67 22.50 -18.71 5.54
CA GLN C 67 23.05 -19.47 6.65
C GLN C 67 23.97 -20.58 6.16
N LEU C 68 23.65 -21.18 5.02
CA LEU C 68 24.49 -22.24 4.48
C LEU C 68 25.81 -21.69 3.96
N THR C 69 25.81 -20.45 3.46
CA THR C 69 27.06 -19.83 3.01
C THR C 69 27.96 -19.49 4.20
N VAL C 70 27.38 -19.00 5.29
CA VAL C 70 28.17 -18.66 6.47
C VAL C 70 28.82 -19.90 7.05
N TRP C 71 28.08 -21.02 7.09
CA TRP C 71 28.64 -22.25 7.61
C TRP C 71 29.77 -22.76 6.71
N GLY C 72 29.60 -22.63 5.39
CA GLY C 72 30.66 -23.05 4.48
C GLY C 72 31.92 -22.23 4.65
N ILE C 73 31.78 -20.93 4.91
CA ILE C 73 32.93 -20.07 5.16
C ILE C 73 33.61 -20.48 6.47
N LYS C 74 32.81 -20.75 7.50
CA LYS C 74 33.38 -21.21 8.77
C LYS C 74 34.11 -22.53 8.61
N GLN C 75 33.59 -23.42 7.76
CA GLN C 75 34.28 -24.68 7.49
C GLN C 75 35.57 -24.43 6.72
N LEU C 76 35.56 -23.46 5.80
CA LEU C 76 36.79 -23.10 5.10
C LEU C 76 37.79 -22.45 6.04
N GLN C 77 37.30 -21.63 6.99
CA GLN C 77 38.19 -21.05 7.98
C GLN C 77 38.80 -22.12 8.88
N ALA C 78 38.06 -23.19 9.15
CA ALA C 78 38.56 -24.23 10.06
C ALA C 78 39.68 -25.03 9.40
N ARG C 79 39.44 -25.54 8.19
CA ARG C 79 40.45 -26.37 7.54
C ARG C 79 41.63 -25.56 7.01
N ILE C 80 41.45 -24.26 6.76
CA ILE C 80 42.59 -23.43 6.36
C ILE C 80 43.43 -23.03 7.55
N LEU C 81 42.85 -23.04 8.76
CA LEU C 81 43.64 -22.81 9.97
C LEU C 81 44.33 -24.08 10.44
N ALA C 82 43.72 -25.24 10.19
CA ALA C 82 44.37 -26.51 10.51
C ALA C 82 45.55 -26.77 9.58
N VAL C 83 45.39 -26.46 8.30
CA VAL C 83 46.51 -26.56 7.37
C VAL C 83 47.61 -25.59 7.75
N GLU C 84 47.23 -24.37 8.15
CA GLU C 84 48.22 -23.38 8.55
C GLU C 84 48.98 -23.82 9.81
N ARG C 85 48.26 -24.36 10.79
CA ARG C 85 48.90 -24.78 12.03
C ARG C 85 49.80 -25.99 11.80
N TYR C 86 49.41 -26.90 10.91
CA TYR C 86 50.25 -28.05 10.61
C TYR C 86 51.54 -27.63 9.92
N LEU C 87 51.52 -26.51 9.18
CA LEU C 87 52.73 -26.02 8.55
C LEU C 87 53.61 -25.24 9.52
N LYS C 88 53.01 -24.66 10.56
CA LYS C 88 53.78 -23.90 11.55
C LYS C 88 54.20 -24.80 12.71
N ASP C 101 39.00 -8.66 14.57
CA ASP C 101 38.97 -8.86 13.12
C ASP C 101 38.17 -10.10 12.75
N LYS C 102 38.72 -11.28 13.04
CA LYS C 102 38.01 -12.53 12.77
C LYS C 102 36.84 -12.71 13.74
N MET C 103 37.12 -12.59 15.04
CA MET C 103 36.05 -12.61 16.03
C MET C 103 35.05 -11.50 15.77
N GLU C 104 35.53 -10.33 15.32
CA GLU C 104 34.62 -9.24 14.98
C GLU C 104 33.77 -9.60 13.76
N TRP C 105 34.35 -10.33 12.80
CA TRP C 105 33.56 -10.81 11.67
C TRP C 105 32.45 -11.74 12.14
N ASP C 106 32.78 -12.68 13.03
CA ASP C 106 31.74 -13.55 13.59
C ASP C 106 30.67 -12.75 14.32
N ARG C 107 31.09 -11.74 15.10
CA ARG C 107 30.15 -10.93 15.84
C ARG C 107 29.18 -10.21 14.90
N GLU C 108 29.71 -9.59 13.84
CA GLU C 108 28.84 -8.86 12.92
C GLU C 108 27.94 -9.81 12.14
N ILE C 109 28.46 -10.99 11.78
CA ILE C 109 27.63 -12.00 11.13
C ILE C 109 26.44 -12.36 12.02
N ASN C 110 26.70 -12.63 13.30
CA ASN C 110 25.62 -13.02 14.20
C ASN C 110 24.66 -11.85 14.46
N ASN C 111 25.19 -10.62 14.50
CA ASN C 111 24.33 -9.45 14.69
C ASN C 111 23.35 -9.30 13.53
N TYR C 112 23.87 -9.35 12.30
CA TYR C 112 22.97 -9.22 11.14
C TYR C 112 22.06 -10.43 11.01
N THR C 113 22.49 -11.61 11.48
CA THR C 113 21.62 -12.77 11.50
C THR C 113 20.43 -12.54 12.43
N SER C 114 20.70 -12.04 13.64
CA SER C 114 19.63 -11.73 14.57
C SER C 114 18.69 -10.66 14.01
N LEU C 115 19.27 -9.64 13.34
CA LEU C 115 18.44 -8.62 12.71
C LEU C 115 17.53 -9.23 11.65
N ILE C 116 18.08 -10.13 10.82
CA ILE C 116 17.30 -10.77 9.77
C ILE C 116 16.16 -11.59 10.38
N HIS C 117 16.46 -12.35 11.43
CA HIS C 117 15.43 -13.20 12.03
C HIS C 117 14.33 -12.37 12.67
N SER C 118 14.69 -11.29 13.36
CA SER C 118 13.67 -10.40 13.92
C SER C 118 12.80 -9.79 12.83
N LEU C 119 13.42 -9.33 11.74
CA LEU C 119 12.64 -8.73 10.66
C LEU C 119 11.74 -9.76 9.99
N ILE C 120 12.21 -11.01 9.85
CA ILE C 120 11.38 -12.05 9.26
C ILE C 120 10.19 -12.36 10.15
N GLU C 121 10.40 -12.43 11.47
CA GLU C 121 9.29 -12.68 12.38
C GLU C 121 8.26 -11.55 12.31
N GLU C 122 8.74 -10.30 12.33
CA GLU C 122 7.82 -9.17 12.26
C GLU C 122 7.06 -9.14 10.94
N SER C 123 7.74 -9.46 9.84
CA SER C 123 7.09 -9.47 8.54
C SER C 123 6.04 -10.58 8.45
N GLN C 124 6.32 -11.75 9.04
CA GLN C 124 5.33 -12.81 9.05
C GLN C 124 4.11 -12.43 9.88
N ASN C 125 4.33 -11.77 11.02
CA ASN C 125 3.22 -11.32 11.84
C ASN C 125 2.36 -10.31 11.08
N GLN C 126 3.01 -9.32 10.45
CA GLN C 126 2.26 -8.33 9.67
C GLN C 126 1.55 -8.98 8.48
N GLN C 127 2.15 -10.02 7.91
CA GLN C 127 1.52 -10.71 6.79
C GLN C 127 0.26 -11.43 7.22
N GLU C 128 0.30 -12.11 8.37
CA GLU C 128 -0.90 -12.75 8.90
C GLU C 128 -1.96 -11.70 9.21
N LYS C 129 -1.56 -10.57 9.80
CA LYS C 129 -2.51 -9.48 10.06
C LYS C 129 -3.19 -9.04 8.78
N ASN C 130 -2.42 -8.77 7.73
CA ASN C 130 -2.97 -8.32 6.46
C ASN C 130 -3.90 -9.38 5.86
N GLU C 131 -3.50 -10.65 5.92
CA GLU C 131 -4.33 -11.72 5.37
C GLU C 131 -5.69 -11.78 6.05
N GLN C 132 -5.70 -11.79 7.38
CA GLN C 132 -6.97 -11.89 8.10
C GLN C 132 -7.83 -10.64 7.90
N GLU C 133 -7.19 -9.46 7.90
CA GLU C 133 -7.94 -8.23 7.66
C GLU C 133 -8.59 -8.25 6.28
N LEU C 134 -7.85 -8.68 5.26
CA LEU C 134 -8.40 -8.75 3.92
C LEU C 134 -9.52 -9.77 3.84
N LEU C 135 -9.37 -10.90 4.54
CA LEU C 135 -10.43 -11.91 4.56
C LEU C 135 -11.72 -11.33 5.12
N GLU C 136 -11.65 -10.67 6.28
CA GLU C 136 -12.86 -10.10 6.88
C GLU C 136 -13.44 -8.99 6.01
N LEU C 137 -12.57 -8.17 5.42
CA LEU C 137 -13.03 -7.11 4.52
C LEU C 137 -13.81 -7.69 3.36
N ASP C 138 -13.27 -8.75 2.73
CA ASP C 138 -13.95 -9.34 1.58
C ASP C 138 -15.26 -10.00 1.99
N LYS C 139 -15.29 -10.67 3.15
CA LYS C 139 -16.52 -11.29 3.61
C LYS C 139 -17.63 -10.26 3.79
N TRP C 140 -17.34 -9.20 4.57
CA TRP C 140 -18.38 -8.20 4.81
C TRP C 140 -18.72 -7.42 3.54
N ALA C 141 -17.75 -7.25 2.63
CA ALA C 141 -18.05 -6.60 1.37
C ALA C 141 -18.98 -7.44 0.51
N SER C 142 -18.78 -8.76 0.50
CA SER C 142 -19.68 -9.64 -0.24
C SER C 142 -21.09 -9.62 0.34
N LEU C 143 -21.18 -9.65 1.68
CA LEU C 143 -22.51 -9.59 2.31
C LEU C 143 -23.21 -8.27 1.98
N TRP C 144 -22.48 -7.15 2.08
CA TRP C 144 -23.06 -5.86 1.74
C TRP C 144 -23.44 -5.77 0.27
N ASN C 145 -22.67 -6.42 -0.61
CA ASN C 145 -23.00 -6.40 -2.03
C ASN C 145 -24.26 -7.18 -2.31
N TRP C 146 -24.43 -8.35 -1.69
CA TRP C 146 -25.68 -9.08 -1.86
C TRP C 146 -26.85 -8.31 -1.30
N PHE C 147 -26.64 -7.63 -0.18
CA PHE C 147 -27.67 -6.75 0.39
C PHE C 147 -28.09 -5.69 -0.62
N ASN C 148 -27.12 -4.99 -1.22
CA ASN C 148 -27.43 -3.96 -2.19
C ASN C 148 -28.10 -4.54 -3.44
N ILE C 149 -27.67 -5.72 -3.87
CA ILE C 149 -28.28 -6.35 -5.03
C ILE C 149 -29.74 -6.66 -4.76
N THR C 150 -30.06 -7.20 -3.58
CA THR C 150 -31.44 -7.48 -3.23
C THR C 150 -32.27 -6.21 -3.15
N ASN C 151 -31.71 -5.15 -2.56
CA ASN C 151 -32.44 -3.88 -2.49
C ASN C 151 -32.74 -3.35 -3.89
N TRP C 152 -31.74 -3.37 -4.78
CA TRP C 152 -31.94 -2.87 -6.14
C TRP C 152 -32.95 -3.70 -6.90
N LEU C 153 -32.91 -5.03 -6.74
CA LEU C 153 -33.90 -5.89 -7.38
C LEU C 153 -35.31 -5.58 -6.89
N TRP C 154 -35.48 -5.45 -5.57
CA TRP C 154 -36.79 -5.14 -5.01
C TRP C 154 -37.32 -3.82 -5.56
N TYR C 155 -36.47 -2.79 -5.58
CA TYR C 155 -36.93 -1.48 -6.02
C TYR C 155 -37.25 -1.47 -7.51
N ILE C 156 -36.45 -2.15 -8.33
CA ILE C 156 -36.75 -2.16 -9.76
C ILE C 156 -38.02 -2.96 -10.02
N LYS C 157 -38.26 -4.02 -9.24
CA LYS C 157 -39.54 -4.73 -9.31
C LYS C 157 -40.69 -3.77 -9.04
N LEU C 158 -40.61 -3.03 -7.93
CA LEU C 158 -41.70 -2.12 -7.56
C LEU C 158 -41.93 -1.07 -8.64
N PHE C 159 -40.85 -0.47 -9.14
CA PHE C 159 -40.97 0.60 -10.13
C PHE C 159 -41.55 0.08 -11.44
N ILE C 160 -41.09 -1.08 -11.91
CA ILE C 160 -41.60 -1.59 -13.17
C ILE C 160 -43.05 -2.05 -13.02
N MET C 161 -43.44 -2.55 -11.84
CA MET C 161 -44.83 -2.90 -11.62
C MET C 161 -45.71 -1.66 -11.61
N ILE C 162 -45.22 -0.56 -11.02
CA ILE C 162 -45.99 0.68 -11.02
C ILE C 162 -46.20 1.18 -12.44
N VAL C 163 -45.13 1.25 -13.22
CA VAL C 163 -45.28 1.79 -14.57
C VAL C 163 -46.13 0.86 -15.43
N GLY C 164 -46.06 -0.45 -15.19
CA GLY C 164 -46.93 -1.36 -15.90
C GLY C 164 -48.40 -1.17 -15.56
N GLY C 165 -48.71 -1.03 -14.26
CA GLY C 165 -50.07 -0.72 -13.87
C GLY C 165 -50.57 0.57 -14.50
N LEU C 166 -49.69 1.58 -14.59
CA LEU C 166 -50.07 2.85 -15.19
C LEU C 166 -50.40 2.69 -16.66
N VAL C 167 -49.55 1.97 -17.41
CA VAL C 167 -49.81 1.76 -18.83
C VAL C 167 -51.07 0.93 -19.04
N GLY C 168 -51.29 -0.06 -18.16
CA GLY C 168 -52.49 -0.86 -18.25
C GLY C 168 -53.75 -0.05 -18.05
N LEU C 169 -53.76 0.80 -17.02
CA LEU C 169 -54.92 1.65 -16.79
C LEU C 169 -55.07 2.69 -17.90
N ARG C 170 -53.97 3.10 -18.53
CA ARG C 170 -54.06 3.99 -19.68
C ARG C 170 -54.78 3.30 -20.85
N ILE C 171 -54.43 2.05 -21.13
CA ILE C 171 -55.08 1.34 -22.23
C ILE C 171 -56.54 1.01 -21.88
N VAL C 172 -56.80 0.69 -20.61
CA VAL C 172 -58.18 0.45 -20.19
C VAL C 172 -59.01 1.73 -20.32
N PHE C 173 -58.39 2.88 -20.03
CA PHE C 173 -59.09 4.15 -20.18
C PHE C 173 -59.43 4.43 -21.64
N ALA C 174 -58.47 4.20 -22.53
CA ALA C 174 -58.70 4.43 -23.96
C ALA C 174 -59.63 3.38 -24.55
N GLU D 1 -11.19 35.33 3.21
CA GLU D 1 -10.32 34.17 3.09
C GLU D 1 -9.21 34.22 4.13
N VAL D 2 -8.92 33.08 4.76
CA VAL D 2 -7.94 33.04 5.83
C VAL D 2 -6.54 33.30 5.28
N GLN D 3 -5.68 33.82 6.13
CA GLN D 3 -4.27 34.05 5.81
C GLN D 3 -3.41 33.45 6.91
N LEU D 4 -2.36 32.75 6.51
CA LEU D 4 -1.51 32.01 7.43
C LEU D 4 -0.14 32.67 7.56
N VAL D 5 0.37 32.71 8.79
CA VAL D 5 1.66 33.31 9.11
C VAL D 5 2.42 32.36 10.01
N GLU D 6 3.62 31.96 9.57
CA GLU D 6 4.44 31.04 10.35
C GLU D 6 5.37 31.81 11.29
N SER D 7 5.69 31.20 12.42
CA SER D 7 6.60 31.79 13.38
C SER D 7 7.21 30.67 14.22
N GLY D 8 8.25 31.02 14.98
CA GLY D 8 8.89 30.09 15.89
C GLY D 8 10.07 29.33 15.33
N GLY D 9 10.53 29.66 14.13
CA GLY D 9 11.65 28.97 13.52
C GLY D 9 12.99 29.45 14.06
N GLY D 10 14.04 28.84 13.54
CA GLY D 10 15.39 29.12 13.97
C GLY D 10 16.26 27.89 13.79
N LEU D 11 17.45 27.95 14.39
CA LEU D 11 18.38 26.83 14.36
C LEU D 11 18.57 26.28 15.77
N VAL D 12 18.82 24.97 15.85
CA VAL D 12 18.89 24.28 17.12
C VAL D 12 19.87 23.12 16.99
N GLN D 13 20.52 22.78 18.09
CA GLN D 13 21.49 21.69 18.09
C GLN D 13 20.77 20.35 17.94
N PRO D 14 21.39 19.36 17.25
CA PRO D 14 20.76 18.03 17.15
C PRO D 14 20.40 17.45 18.51
N GLY D 15 19.11 17.25 18.74
CA GLY D 15 18.60 16.83 20.03
C GLY D 15 17.82 17.88 20.77
N GLY D 16 17.71 19.09 20.22
CA GLY D 16 16.97 20.17 20.84
C GLY D 16 15.50 20.14 20.46
N SER D 17 14.78 21.18 20.90
CA SER D 17 13.35 21.28 20.68
C SER D 17 12.98 22.68 20.21
N LEU D 18 11.91 22.77 19.44
CA LEU D 18 11.37 24.03 18.98
C LEU D 18 9.86 23.95 18.98
N ARG D 19 9.21 25.10 18.83
CA ARG D 19 7.74 25.17 18.81
C ARG D 19 7.33 26.11 17.69
N LEU D 20 7.00 25.55 16.52
CA LEU D 20 6.49 26.34 15.43
C LEU D 20 5.03 26.69 15.66
N SER D 21 4.62 27.83 15.11
CA SER D 21 3.28 28.36 15.35
C SER D 21 2.74 28.95 14.05
N CYS D 22 1.63 28.40 13.58
CA CYS D 22 0.90 28.94 12.45
C CYS D 22 -0.24 29.78 13.00
N ALA D 23 -0.15 31.09 12.83
CA ALA D 23 -1.22 32.00 13.18
C ALA D 23 -2.09 32.22 11.95
N ALA D 24 -3.35 31.82 12.04
CA ALA D 24 -4.31 32.05 10.98
C ALA D 24 -5.00 33.38 11.21
N SER D 25 -5.30 34.08 10.11
CA SER D 25 -6.10 35.30 10.20
C SER D 25 -7.49 34.99 10.73
N GLY D 26 -8.28 34.25 9.95
CA GLY D 26 -9.63 33.92 10.34
C GLY D 26 -9.71 32.76 11.31
N SER D 27 -10.95 32.45 11.72
CA SER D 27 -11.21 31.33 12.62
C SER D 27 -11.07 30.02 11.85
N ILE D 28 -10.14 29.18 12.27
CA ILE D 28 -9.90 27.89 11.62
C ILE D 28 -10.71 26.77 12.24
N SER D 29 -11.69 27.08 13.09
CA SER D 29 -12.55 26.04 13.63
C SER D 29 -13.39 25.40 12.53
N SER D 30 -13.64 26.14 11.45
CA SER D 30 -14.39 25.64 10.31
C SER D 30 -13.49 25.19 9.17
N VAL D 31 -12.18 25.37 9.30
CA VAL D 31 -11.24 24.87 8.29
C VAL D 31 -11.10 23.37 8.46
N ASP D 32 -11.27 22.64 7.35
CA ASP D 32 -11.33 21.18 7.42
C ASP D 32 -10.00 20.60 7.90
N VAL D 33 -8.88 21.05 7.34
CA VAL D 33 -7.57 20.49 7.65
C VAL D 33 -6.57 21.63 7.78
N MET D 34 -5.75 21.57 8.83
CA MET D 34 -4.58 22.45 8.99
C MET D 34 -3.35 21.57 8.96
N SER D 35 -2.45 21.81 8.01
CA SER D 35 -1.33 20.93 7.77
C SER D 35 -0.01 21.67 7.89
N TRP D 36 1.00 20.97 8.37
CA TRP D 36 2.37 21.45 8.39
C TRP D 36 3.17 20.64 7.37
N TYR D 37 3.76 21.34 6.40
CA TYR D 37 4.66 20.79 5.41
C TYR D 37 6.07 21.29 5.67
N ARG D 38 7.05 20.68 4.99
CA ARG D 38 8.41 21.18 5.00
C ARG D 38 9.01 21.00 3.62
N GLN D 39 9.91 21.91 3.26
CA GLN D 39 10.58 21.87 1.96
C GLN D 39 12.05 22.20 2.15
N ALA D 40 12.92 21.33 1.66
CA ALA D 40 14.36 21.49 1.74
C ALA D 40 14.93 21.90 0.39
N PRO D 41 16.08 22.57 0.38
CA PRO D 41 16.69 22.95 -0.91
C PRO D 41 17.01 21.73 -1.76
N GLY D 42 16.37 21.67 -2.93
CA GLY D 42 16.57 20.59 -3.87
C GLY D 42 15.65 19.40 -3.68
N LYS D 43 14.86 19.37 -2.62
CA LYS D 43 13.96 18.26 -2.33
C LYS D 43 12.51 18.69 -2.57
N GLN D 44 11.60 17.73 -2.38
CA GLN D 44 10.19 17.98 -2.60
C GLN D 44 9.56 18.62 -1.36
N ARG D 45 8.33 19.11 -1.54
CA ARG D 45 7.55 19.68 -0.44
C ARG D 45 6.87 18.54 0.31
N GLU D 46 7.42 18.19 1.46
CA GLU D 46 6.97 17.01 2.20
C GLU D 46 5.89 17.40 3.21
N LEU D 47 4.77 16.69 3.17
CA LEU D 47 3.75 16.83 4.20
C LEU D 47 4.27 16.22 5.50
N VAL D 48 4.36 17.04 6.54
CA VAL D 48 4.92 16.60 7.82
C VAL D 48 3.82 16.09 8.74
N ALA D 49 2.78 16.90 8.97
CA ALA D 49 1.71 16.50 9.87
C ALA D 49 0.43 17.21 9.47
N PHE D 50 -0.70 16.72 9.99
CA PHE D 50 -1.96 17.39 9.71
C PHE D 50 -2.97 17.11 10.82
N ILE D 51 -3.76 18.15 11.14
CA ILE D 51 -4.85 18.08 12.08
C ILE D 51 -6.12 18.46 11.33
N THR D 52 -7.26 17.99 11.83
CA THR D 52 -8.54 18.24 11.18
C THR D 52 -9.38 19.18 12.04
N ASP D 53 -10.57 19.52 11.51
CA ASP D 53 -11.50 20.37 12.25
C ASP D 53 -12.04 19.67 13.50
N ARG D 54 -11.88 18.36 13.53
CA ARG D 54 -12.42 17.60 14.67
C ARG D 54 -11.27 17.12 15.53
N GLY D 55 -10.05 17.51 15.18
CA GLY D 55 -8.90 17.18 15.99
C GLY D 55 -8.19 15.90 15.62
N ARG D 56 -8.48 15.32 14.46
CA ARG D 56 -7.78 14.12 14.02
C ARG D 56 -6.38 14.49 13.58
N THR D 57 -5.38 13.99 14.31
CA THR D 57 -3.99 14.33 14.06
C THR D 57 -3.25 13.12 13.49
N ASN D 58 -2.33 13.39 12.55
CA ASN D 58 -1.46 12.35 12.04
C ASN D 58 -0.15 12.97 11.60
N TYR D 59 0.90 12.15 11.60
CA TYR D 59 2.27 12.62 11.40
C TYR D 59 2.94 11.83 10.29
N LYS D 60 4.20 12.18 10.03
CA LYS D 60 5.05 11.49 9.08
C LYS D 60 5.79 10.35 9.76
N VAL D 61 6.20 9.36 8.96
CA VAL D 61 6.81 8.15 9.50
C VAL D 61 8.11 8.48 10.22
N SER D 62 8.93 9.32 9.63
CA SER D 62 10.24 9.65 10.21
C SER D 62 10.15 10.60 11.39
N VAL D 63 8.95 11.15 11.69
CA VAL D 63 8.80 12.11 12.76
C VAL D 63 7.76 11.71 13.79
N LYS D 64 7.11 10.55 13.63
CA LYS D 64 6.13 10.11 14.61
C LYS D 64 6.82 9.79 15.93
N GLY D 65 6.21 10.25 17.03
CA GLY D 65 6.77 10.06 18.34
C GLY D 65 7.65 11.20 18.82
N ARG D 66 8.02 12.13 17.95
CA ARG D 66 8.81 13.28 18.34
C ARG D 66 8.26 14.61 17.86
N PHE D 67 7.26 14.61 16.97
CA PHE D 67 6.54 15.81 16.59
C PHE D 67 5.12 15.73 17.14
N THR D 68 4.58 16.89 17.52
CA THR D 68 3.24 16.95 18.12
C THR D 68 2.51 18.16 17.56
N ILE D 69 1.47 17.92 16.77
CA ILE D 69 0.64 19.00 16.26
C ILE D 69 -0.53 19.22 17.21
N SER D 70 -0.92 20.48 17.38
CA SER D 70 -2.00 20.85 18.28
C SER D 70 -2.67 22.10 17.75
N ARG D 71 -3.83 22.41 18.32
CA ARG D 71 -4.61 23.55 17.85
C ARG D 71 -5.28 24.24 19.02
N ASP D 72 -5.33 25.58 18.95
CA ASP D 72 -6.06 26.40 19.91
C ASP D 72 -7.03 27.26 19.11
N ASN D 73 -8.31 26.90 19.13
CA ASN D 73 -9.31 27.63 18.37
C ASN D 73 -9.62 29.00 18.95
N SER D 74 -9.35 29.20 20.25
CA SER D 74 -9.56 30.51 20.85
C SER D 74 -8.60 31.54 20.27
N LYS D 75 -7.33 31.17 20.15
CA LYS D 75 -6.31 32.03 19.57
C LYS D 75 -6.20 31.86 18.05
N ASN D 76 -6.93 30.92 17.47
CA ASN D 76 -6.82 30.58 16.05
C ASN D 76 -5.37 30.23 15.69
N MET D 77 -4.86 29.21 16.37
CA MET D 77 -3.45 28.85 16.31
C MET D 77 -3.29 27.36 16.03
N VAL D 78 -2.27 27.03 15.24
CA VAL D 78 -1.88 25.63 15.01
C VAL D 78 -0.41 25.51 15.39
N TYR D 79 -0.14 24.78 16.46
CA TYR D 79 1.23 24.64 16.96
C TYR D 79 1.82 23.30 16.54
N LEU D 80 3.14 23.30 16.34
CA LEU D 80 3.90 22.11 16.00
C LEU D 80 5.11 22.04 16.92
N GLN D 81 5.06 21.14 17.90
CA GLN D 81 6.18 20.92 18.82
C GLN D 81 7.15 19.92 18.19
N MET D 82 8.40 20.35 18.00
CA MET D 82 9.44 19.52 17.44
C MET D 82 10.43 19.14 18.53
N ASN D 83 10.65 17.84 18.70
CA ASN D 83 11.52 17.32 19.75
C ASN D 83 12.54 16.36 19.14
N SER D 84 13.71 16.28 19.80
CA SER D 84 14.79 15.38 19.41
C SER D 84 15.10 15.52 17.91
N LEU D 85 15.38 16.75 17.51
CA LEU D 85 15.50 17.06 16.09
C LEU D 85 16.78 16.47 15.49
N LYS D 86 16.64 15.88 14.30
CA LYS D 86 17.73 15.36 13.51
C LYS D 86 18.15 16.37 12.45
N PRO D 87 19.36 16.23 11.90
CA PRO D 87 19.74 17.10 10.77
C PRO D 87 18.85 16.94 9.56
N GLU D 88 18.08 15.84 9.46
CA GLU D 88 17.18 15.65 8.34
C GLU D 88 15.96 16.55 8.41
N ASP D 89 15.70 17.17 9.56
CA ASP D 89 14.52 18.00 9.76
C ASP D 89 14.73 19.45 9.34
N THR D 90 15.86 19.77 8.73
CA THR D 90 16.17 21.13 8.30
C THR D 90 15.41 21.45 7.02
N ALA D 91 14.53 22.45 7.07
CA ALA D 91 13.73 22.84 5.91
C ALA D 91 12.98 24.12 6.23
N ASP D 92 12.43 24.74 5.19
CA ASP D 92 11.43 25.79 5.38
C ASP D 92 10.08 25.12 5.61
N TYR D 93 9.51 25.35 6.78
CA TYR D 93 8.25 24.72 7.16
C TYR D 93 7.10 25.66 6.83
N LEU D 94 6.07 25.10 6.19
CA LEU D 94 4.89 25.83 5.77
C LEU D 94 3.68 25.31 6.53
N CYS D 95 2.66 26.15 6.66
CA CYS D 95 1.36 25.71 7.15
C CYS D 95 0.31 26.04 6.11
N ARG D 96 -0.62 25.11 5.91
CA ARG D 96 -1.61 25.19 4.85
C ARG D 96 -3.00 24.95 5.44
N ALA D 97 -3.93 25.79 5.00
CA ALA D 97 -5.35 25.66 5.35
C ALA D 97 -6.07 25.05 4.17
N GLU D 98 -6.70 23.89 4.41
CA GLU D 98 -7.44 23.14 3.40
C GLU D 98 -8.89 22.99 3.85
N SER D 99 -9.80 23.12 2.90
CA SER D 99 -11.22 22.92 3.20
C SER D 99 -11.91 22.52 1.92
N ARG D 100 -12.29 21.24 1.83
CA ARG D 100 -13.10 20.77 0.72
C ARG D 100 -14.47 21.43 0.77
N THR D 101 -15.19 21.40 -0.35
CA THR D 101 -16.49 22.05 -0.43
C THR D 101 -17.48 21.37 0.50
N SER D 102 -18.20 22.17 1.27
CA SER D 102 -19.24 21.68 2.16
C SER D 102 -20.53 22.46 1.94
N TRP D 103 -21.35 22.58 2.99
CA TRP D 103 -22.59 23.32 2.89
C TRP D 103 -22.42 24.81 3.14
N SER D 104 -21.35 25.22 3.84
CA SER D 104 -21.11 26.63 4.11
C SER D 104 -20.06 27.24 3.19
N SER D 105 -19.21 26.44 2.56
CA SER D 105 -18.14 26.95 1.72
C SER D 105 -18.50 26.75 0.26
N PRO D 106 -18.80 27.82 -0.50
CA PRO D 106 -19.01 27.63 -1.94
C PRO D 106 -17.74 27.26 -2.68
N SER D 107 -16.60 27.88 -2.33
CA SER D 107 -15.32 27.61 -2.94
C SER D 107 -14.43 26.83 -1.98
N PRO D 108 -13.61 25.90 -2.50
CA PRO D 108 -12.67 25.19 -1.62
C PRO D 108 -11.57 26.11 -1.13
N LEU D 109 -11.25 25.99 0.15
CA LEU D 109 -10.23 26.83 0.77
C LEU D 109 -8.87 26.17 0.62
N ASP D 110 -7.93 26.89 0.01
CA ASP D 110 -6.56 26.41 -0.16
C ASP D 110 -5.64 27.61 0.05
N VAL D 111 -5.14 27.77 1.27
CA VAL D 111 -4.33 28.92 1.64
C VAL D 111 -2.96 28.44 2.11
N TRP D 112 -1.92 29.06 1.60
CA TRP D 112 -0.55 28.79 2.02
C TRP D 112 -0.01 29.93 2.86
N GLY D 113 1.07 29.64 3.59
CA GLY D 113 1.84 30.64 4.28
C GLY D 113 3.18 30.87 3.58
N ARG D 114 3.99 31.72 4.19
CA ARG D 114 5.31 32.03 3.67
C ARG D 114 6.41 31.24 4.37
N GLY D 115 6.06 30.43 5.38
CA GLY D 115 6.99 29.50 5.97
C GLY D 115 8.06 30.09 6.87
N THR D 116 8.44 29.35 7.90
CA THR D 116 9.55 29.73 8.76
C THR D 116 10.65 28.68 8.63
N GLN D 117 11.91 29.13 8.66
CA GLN D 117 13.02 28.22 8.44
C GLN D 117 13.40 27.51 9.74
N VAL D 118 13.70 26.22 9.63
CA VAL D 118 14.12 25.41 10.77
C VAL D 118 15.41 24.70 10.36
N THR D 119 16.48 24.96 11.11
CA THR D 119 17.79 24.36 10.85
C THR D 119 18.21 23.54 12.07
N VAL D 120 18.72 22.34 11.83
CA VAL D 120 19.19 21.46 12.89
C VAL D 120 20.61 21.03 12.50
N SER D 121 21.61 21.63 13.15
CA SER D 121 23.00 21.32 12.84
C SER D 121 23.91 21.64 14.02
#